data_8ZR0
#
_entry.id   8ZR0
#
_cell.length_a   119.699
_cell.length_b   119.699
_cell.length_c   89.980
_cell.angle_alpha   90.00
_cell.angle_beta   90.00
_cell.angle_gamma   120.00
#
_symmetry.space_group_name_H-M   'P 65'
#
loop_
_entity.id
_entity.type
_entity.pdbx_description
1 polymer 'Caseinolytic peptidase B protein homolog'
2 non-polymer 'PHOSPHOAMINOPHOSPHONIC ACID-ADENYLATE ESTER'
3 water water
#
_entity_poly.entity_id   1
_entity_poly.type   'polypeptide(L)'
_entity_poly.pdbx_seq_one_letter_code
;DKAEAFLEAARSNDTEEIRRLLSEGLDPNTRHRLGWTALMVAAMNTQHNVVKLLLDAGADPNLGDGFSSVYDTAREKSLH
SLEVLVSREDEFSSRLSSRASFRGCSALHYAALADDLQTVRLLLDAGADPSLKNDLGHTPLSYARDGELSAVLRDAQDTF
AEAQRKREAEERRKFPLERRLKEHIIGQEGAINTVASAIRRKENGWYDEEHPLVFLFLGSSGIGKTELAKQVARYMHKDI
KKGFIRMDMSEFQEKHEVAKFIGSPPGYVGHDEGGQLTKQLKQSPSAVVLFDEVEKAHPDVLTVMLQLFDEGRLTDGKGK
TIECKDAIFIMTSNAASDEIAQHALQLRQEAQEQSRRRLAENLDDVQKSENITISNTFKEQVIRPILKAHFRRDEFLGRI
NEIVYFLPFCHSELLQLVSRELHYWAKKAKQRHNITLLWERPVLELLVKGYNLHYGARSIKHEVERRVVNQLAAAFEQEL
LPKGCTLRLTVDRDSQHTDGAPVLRLELLQEDKTSRKLEIQPPLNPQDTAHTPRKH
;
_entity_poly.pdbx_strand_id   A
#
loop_
_chem_comp.id
_chem_comp.type
_chem_comp.name
_chem_comp.formula
ANP non-polymer 'PHOSPHOAMINOPHOSPHONIC ACID-ADENYLATE ESTER' 'C10 H17 N6 O12 P3'
#
# COMPACT_ATOMS: atom_id res chain seq x y z
N LYS A 2 3.00 -31.96 28.75
CA LYS A 2 3.62 -30.67 28.96
C LYS A 2 2.57 -29.72 29.50
N ALA A 3 2.27 -28.67 28.74
CA ALA A 3 1.25 -27.70 29.11
C ALA A 3 -0.05 -28.00 28.39
N GLU A 4 -0.28 -29.27 28.07
CA GLU A 4 -1.58 -29.74 27.61
C GLU A 4 -2.61 -29.51 28.71
N ALA A 5 -2.14 -29.65 29.95
CA ALA A 5 -2.95 -29.47 31.13
C ALA A 5 -3.34 -28.00 31.31
N PHE A 6 -2.54 -27.12 30.70
CA PHE A 6 -2.85 -25.69 30.75
C PHE A 6 -4.20 -25.43 30.08
N LEU A 7 -4.41 -26.01 28.90
CA LEU A 7 -5.65 -25.78 28.18
C LEU A 7 -6.70 -26.85 28.48
N GLU A 8 -6.31 -27.89 29.21
CA GLU A 8 -7.33 -28.75 29.80
C GLU A 8 -7.96 -27.96 30.96
N ALA A 9 -7.13 -27.15 31.61
CA ALA A 9 -7.60 -26.23 32.62
C ALA A 9 -8.41 -25.12 31.97
N ALA A 10 -7.94 -24.61 30.84
CA ALA A 10 -8.66 -23.59 30.09
C ALA A 10 -10.02 -24.11 29.65
N ARG A 11 -10.05 -25.40 29.28
CA ARG A 11 -11.29 -26.11 28.96
C ARG A 11 -12.26 -26.49 30.09
N SER A 12 -11.72 -26.73 31.28
CA SER A 12 -12.50 -27.01 32.49
C SER A 12 -12.61 -25.86 33.50
N ASN A 13 -11.95 -24.74 33.21
CA ASN A 13 -11.94 -23.56 34.10
C ASN A 13 -11.21 -23.78 35.42
N ASP A 14 -10.16 -24.59 35.41
CA ASP A 14 -9.35 -24.75 36.62
C ASP A 14 -8.51 -23.50 36.84
N THR A 15 -9.16 -22.45 37.36
CA THR A 15 -8.58 -21.12 37.45
C THR A 15 -7.33 -21.04 38.31
N GLU A 16 -7.31 -21.76 39.42
CA GLU A 16 -6.17 -21.71 40.32
C GLU A 16 -4.93 -22.20 39.59
N GLU A 17 -5.10 -23.20 38.72
CA GLU A 17 -3.95 -23.70 37.92
C GLU A 17 -3.57 -22.67 36.84
N ILE A 18 -4.54 -21.94 36.28
CA ILE A 18 -4.24 -20.97 35.19
C ILE A 18 -3.33 -19.86 35.72
N ARG A 19 -3.57 -19.52 36.96
CA ARG A 19 -2.78 -18.39 37.47
C ARG A 19 -1.37 -18.93 37.61
N ARG A 20 -1.32 -20.07 38.22
CA ARG A 20 -0.05 -20.72 38.48
C ARG A 20 0.88 -20.65 37.26
N LEU A 21 0.43 -21.21 36.15
CA LEU A 21 1.23 -21.26 34.94
C LEU A 21 1.47 -19.87 34.36
N LEU A 22 0.54 -18.96 34.63
CA LEU A 22 0.70 -17.57 34.23
C LEU A 22 1.90 -16.96 34.95
N SER A 23 2.04 -17.31 36.22
CA SER A 23 3.11 -16.77 37.05
C SER A 23 4.46 -17.30 36.57
N GLU A 24 4.45 -18.53 36.05
CA GLU A 24 5.66 -19.14 35.50
C GLU A 24 6.01 -18.53 34.14
N GLY A 25 5.21 -17.56 33.72
CA GLY A 25 5.50 -16.82 32.50
C GLY A 25 5.04 -17.48 31.23
N LEU A 26 4.31 -18.57 31.34
CA LEU A 26 3.80 -19.26 30.15
C LEU A 26 2.84 -18.34 29.40
N ASP A 27 2.97 -18.39 28.05
CA ASP A 27 2.22 -17.52 27.11
C ASP A 27 0.74 -17.89 26.96
N PRO A 28 -0.22 -16.93 27.12
CA PRO A 28 -1.66 -17.23 27.02
C PRO A 28 -2.05 -17.67 25.61
N ASN A 29 -1.40 -17.10 24.59
CA ASN A 29 -1.69 -17.43 23.21
C ASN A 29 -1.56 -18.92 22.89
N THR A 30 -1.00 -19.66 23.87
CA THR A 30 -0.75 -21.13 23.73
C THR A 30 -1.91 -21.86 23.05
N ARG A 31 -1.57 -22.76 22.13
CA ARG A 31 -2.57 -23.51 21.40
C ARG A 31 -2.53 -25.01 21.69
N HIS A 32 -3.61 -25.70 21.30
CA HIS A 32 -3.70 -27.15 21.36
C HIS A 32 -2.79 -27.75 20.29
N ARG A 33 -2.62 -29.06 20.31
CA ARG A 33 -1.85 -29.74 19.27
C ARG A 33 -2.61 -29.71 17.94
N LEU A 34 -3.92 -29.45 18.02
CA LEU A 34 -4.74 -29.38 16.82
C LEU A 34 -5.00 -27.93 16.40
N GLY A 35 -4.67 -26.97 17.27
CA GLY A 35 -4.53 -25.59 16.84
C GLY A 35 -5.42 -24.49 17.42
N TRP A 36 -6.20 -24.79 18.44
CA TRP A 36 -7.05 -23.74 19.03
C TRP A 36 -6.39 -23.09 20.24
N THR A 37 -6.55 -21.77 20.35
CA THR A 37 -5.93 -21.04 21.46
C THR A 37 -6.74 -21.30 22.74
N ALA A 38 -6.09 -21.21 23.89
CA ALA A 38 -6.74 -21.52 25.16
C ALA A 38 -7.95 -20.62 25.38
N LEU A 39 -7.81 -19.37 24.96
CA LEU A 39 -8.90 -18.41 25.01
C LEU A 39 -10.10 -18.89 24.18
N MET A 40 -9.83 -19.66 23.13
CA MET A 40 -10.91 -20.20 22.30
C MET A 40 -11.74 -21.22 23.04
N VAL A 41 -11.09 -22.21 23.64
CA VAL A 41 -11.82 -23.23 24.40
C VAL A 41 -12.56 -22.59 25.54
N ALA A 42 -11.88 -21.65 26.22
CA ALA A 42 -12.48 -20.94 27.33
C ALA A 42 -13.73 -20.18 26.89
N ALA A 43 -13.65 -19.55 25.72
CA ALA A 43 -14.74 -18.74 25.19
C ALA A 43 -15.90 -19.60 24.72
N MET A 44 -15.57 -20.78 24.20
CA MET A 44 -16.57 -21.69 23.66
C MET A 44 -17.42 -22.30 24.77
N ASN A 45 -16.79 -22.57 25.91
CA ASN A 45 -17.50 -23.14 27.02
C ASN A 45 -17.84 -22.15 28.09
N THR A 46 -17.79 -20.87 27.72
CA THR A 46 -18.39 -19.82 28.52
C THR A 46 -17.83 -19.90 29.92
N GLN A 47 -16.56 -20.28 30.02
CA GLN A 47 -15.88 -20.24 31.26
C GLN A 47 -15.22 -18.89 31.43
N HIS A 48 -16.04 -17.91 31.82
CA HIS A 48 -15.58 -16.49 31.87
C HIS A 48 -14.43 -16.22 32.84
N ASN A 49 -14.41 -16.86 34.02
CA ASN A 49 -13.34 -16.51 34.95
C ASN A 49 -11.96 -16.54 34.30
N VAL A 50 -11.74 -17.54 33.45
CA VAL A 50 -10.45 -17.68 32.77
C VAL A 50 -10.40 -16.84 31.50
N VAL A 51 -11.56 -16.58 30.88
CA VAL A 51 -11.59 -15.65 29.76
C VAL A 51 -11.14 -14.26 30.25
N LYS A 52 -11.78 -13.81 31.32
CA LYS A 52 -11.46 -12.54 31.96
C LYS A 52 -10.00 -12.46 32.36
N LEU A 53 -9.51 -13.52 33.00
CA LEU A 53 -8.12 -13.55 33.46
C LEU A 53 -7.16 -13.50 32.28
N LEU A 54 -7.48 -14.23 31.23
CA LEU A 54 -6.66 -14.25 30.01
C LEU A 54 -6.61 -12.90 29.29
N LEU A 55 -7.76 -12.24 29.19
CA LEU A 55 -7.84 -10.88 28.66
C LEU A 55 -7.15 -9.91 29.61
N ASP A 56 -7.01 -10.32 30.87
CA ASP A 56 -6.18 -9.60 31.83
C ASP A 56 -4.70 -9.86 31.54
N ALA A 57 -4.32 -11.14 31.55
CA ALA A 57 -2.94 -11.53 31.29
C ALA A 57 -2.40 -10.83 30.05
N GLY A 58 -3.27 -10.62 29.05
CA GLY A 58 -2.83 -10.01 27.79
C GLY A 58 -2.96 -11.00 26.64
N ALA A 59 -3.83 -12.00 26.80
CA ALA A 59 -4.05 -12.99 25.73
C ALA A 59 -4.63 -12.26 24.51
N ASP A 60 -4.16 -12.62 23.32
CA ASP A 60 -4.66 -11.98 22.08
C ASP A 60 -6.08 -12.51 21.77
N PRO A 61 -7.18 -11.73 21.80
CA PRO A 61 -8.47 -12.25 21.38
C PRO A 61 -8.51 -12.62 19.90
N ASN A 62 -7.91 -11.78 19.07
CA ASN A 62 -7.96 -11.95 17.62
C ASN A 62 -6.85 -12.88 17.14
N LEU A 63 -6.97 -14.14 17.53
CA LEU A 63 -6.08 -15.20 17.05
C LEU A 63 -6.96 -16.26 16.41
N GLY A 64 -6.61 -16.67 15.20
CA GLY A 64 -7.44 -17.61 14.47
C GLY A 64 -7.14 -19.05 14.84
N ASP A 65 -8.14 -19.92 14.69
CA ASP A 65 -8.00 -21.32 15.07
C ASP A 65 -7.10 -22.06 14.08
N GLY A 66 -6.24 -22.92 14.61
CA GLY A 66 -5.42 -23.77 13.77
C GLY A 66 -6.24 -24.93 13.22
N PHE A 67 -7.34 -25.24 13.91
CA PHE A 67 -8.20 -26.34 13.50
C PHE A 67 -9.09 -25.93 12.33
N SER A 68 -9.24 -26.82 11.34
CA SER A 68 -10.09 -26.54 10.18
C SER A 68 -11.36 -27.39 10.19
N SER A 69 -11.25 -28.64 9.76
CA SER A 69 -12.33 -29.60 9.91
C SER A 69 -11.75 -30.89 10.45
N VAL A 70 -12.60 -31.81 10.89
CA VAL A 70 -12.13 -33.11 11.36
C VAL A 70 -11.39 -33.82 10.23
N TYR A 71 -12.05 -33.93 9.09
CA TYR A 71 -11.48 -34.51 7.89
C TYR A 71 -10.15 -33.88 7.49
N ASP A 72 -10.15 -32.56 7.37
CA ASP A 72 -8.97 -31.81 6.96
C ASP A 72 -7.80 -32.00 7.92
N THR A 73 -7.96 -31.62 9.17
CA THR A 73 -6.88 -31.75 10.15
C THR A 73 -6.40 -33.21 10.23
N ALA A 74 -7.33 -34.14 10.01
CA ALA A 74 -6.98 -35.56 9.93
C ALA A 74 -6.07 -35.84 8.74
N ARG A 75 -6.26 -35.12 7.64
CA ARG A 75 -5.42 -35.34 6.46
C ARG A 75 -4.07 -34.63 6.59
N GLU A 76 -4.07 -33.46 7.21
CA GLU A 76 -2.86 -32.67 7.39
C GLU A 76 -1.94 -33.37 8.38
N LYS A 77 -2.41 -33.50 9.62
CA LYS A 77 -1.59 -34.10 10.67
C LYS A 77 -1.59 -35.63 10.54
N SER A 78 -2.16 -36.15 9.43
CA SER A 78 -2.07 -37.58 9.08
C SER A 78 -2.53 -38.68 10.08
N LEU A 79 -3.77 -38.62 10.53
CA LEU A 79 -4.23 -39.42 11.67
C LEU A 79 -5.51 -40.13 11.27
N HIS A 80 -6.07 -40.95 12.14
CA HIS A 80 -7.40 -41.51 11.92
C HIS A 80 -8.43 -40.43 12.12
N SER A 81 -9.56 -40.49 11.41
CA SER A 81 -10.56 -39.45 11.60
C SER A 81 -11.17 -39.57 12.98
N LEU A 82 -11.20 -40.79 13.53
CA LEU A 82 -11.74 -41.02 14.89
C LEU A 82 -10.97 -40.39 16.07
N GLU A 83 -9.64 -40.49 16.05
CA GLU A 83 -8.76 -39.75 16.95
C GLU A 83 -9.04 -38.24 16.94
N VAL A 84 -8.92 -37.64 15.76
CA VAL A 84 -9.16 -36.22 15.58
C VAL A 84 -10.54 -35.81 16.08
N LEU A 85 -11.53 -36.62 15.74
CA LEU A 85 -12.91 -36.36 16.12
C LEU A 85 -13.10 -36.32 17.64
N VAL A 86 -12.71 -37.40 18.32
CA VAL A 86 -12.88 -37.46 19.77
C VAL A 86 -12.07 -36.36 20.44
N SER A 87 -10.95 -35.97 19.82
CA SER A 87 -10.17 -34.86 20.34
C SER A 87 -10.93 -33.55 20.27
N ARG A 88 -11.39 -33.19 19.06
CA ARG A 88 -12.10 -31.93 18.86
C ARG A 88 -13.36 -31.84 19.69
N GLU A 89 -14.07 -32.97 19.80
CA GLU A 89 -15.28 -33.11 20.61
C GLU A 89 -15.10 -33.02 22.12
N ASP A 90 -14.09 -33.71 22.66
CA ASP A 90 -13.95 -33.76 24.14
C ASP A 90 -13.05 -32.62 24.62
N GLU A 91 -11.98 -32.29 23.89
CA GLU A 91 -11.01 -31.27 24.37
C GLU A 91 -11.43 -29.86 23.94
N PHE A 92 -12.37 -29.73 23.01
CA PHE A 92 -12.86 -28.37 22.64
C PHE A 92 -14.35 -28.23 22.94
N SER A 93 -15.22 -28.60 21.98
CA SER A 93 -16.68 -28.42 22.16
C SER A 93 -17.46 -29.59 21.56
N SER A 94 -18.68 -29.83 22.05
CA SER A 94 -19.53 -30.93 21.50
C SER A 94 -20.82 -30.34 20.92
N ARG A 95 -20.85 -29.03 20.65
CA ARG A 95 -22.06 -28.39 20.14
C ARG A 95 -21.93 -27.98 18.67
N LEU A 96 -20.71 -28.07 18.13
CA LEU A 96 -20.45 -27.58 16.77
C LEU A 96 -20.80 -28.63 15.71
N SER A 97 -21.47 -28.18 14.65
CA SER A 97 -22.06 -29.10 13.68
C SER A 97 -21.46 -29.01 12.27
N SER A 98 -20.91 -27.86 11.92
CA SER A 98 -20.39 -27.65 10.57
C SER A 98 -19.29 -28.62 10.20
N ARG A 99 -19.46 -29.30 9.07
CA ARG A 99 -18.39 -30.07 8.47
C ARG A 99 -17.55 -29.14 7.61
N ALA A 100 -17.92 -27.86 7.64
CA ALA A 100 -17.12 -26.80 7.03
C ALA A 100 -15.89 -26.55 7.90
N SER A 101 -14.97 -25.73 7.39
CA SER A 101 -13.71 -25.48 8.08
C SER A 101 -13.83 -24.38 9.13
N PHE A 102 -13.26 -24.62 10.30
CA PHE A 102 -13.28 -23.63 11.38
C PHE A 102 -12.00 -22.81 11.42
N ARG A 103 -11.22 -22.89 10.36
CA ARG A 103 -9.92 -22.22 10.30
C ARG A 103 -10.07 -20.70 10.27
N GLY A 104 -9.50 -20.02 11.25
CA GLY A 104 -9.54 -18.58 11.31
C GLY A 104 -10.61 -18.01 12.21
N CYS A 105 -11.28 -18.88 12.96
CA CYS A 105 -12.27 -18.44 13.92
C CYS A 105 -11.60 -17.80 15.14
N SER A 106 -11.96 -16.56 15.42
CA SER A 106 -11.50 -15.91 16.64
C SER A 106 -12.37 -16.32 17.80
N ALA A 107 -11.93 -16.00 19.01
CA ALA A 107 -12.70 -16.31 20.21
C ALA A 107 -14.08 -15.66 20.15
N LEU A 108 -14.16 -14.54 19.43
CA LEU A 108 -15.42 -13.83 19.26
C LEU A 108 -16.41 -14.65 18.42
N HIS A 109 -15.88 -15.31 17.38
CA HIS A 109 -16.66 -16.24 16.58
C HIS A 109 -17.32 -17.29 17.45
N TYR A 110 -16.49 -18.07 18.13
CA TYR A 110 -16.96 -19.13 19.02
C TYR A 110 -17.88 -18.59 20.10
N ALA A 111 -17.65 -17.35 20.50
CA ALA A 111 -18.49 -16.69 21.50
C ALA A 111 -19.90 -16.51 20.96
N ALA A 112 -20.00 -16.07 19.70
CA ALA A 112 -21.29 -15.92 19.05
C ALA A 112 -21.93 -17.29 18.79
N LEU A 113 -21.09 -18.29 18.51
CA LEU A 113 -21.56 -19.64 18.24
C LEU A 113 -22.07 -20.34 19.49
N ALA A 114 -21.57 -19.89 20.65
CA ALA A 114 -22.00 -20.45 21.92
C ALA A 114 -23.20 -19.67 22.45
N ASP A 115 -23.51 -18.57 21.74
CA ASP A 115 -24.65 -17.71 22.04
C ASP A 115 -24.76 -17.29 23.51
N ASP A 116 -23.70 -16.62 23.96
CA ASP A 116 -23.63 -16.00 25.27
C ASP A 116 -23.17 -14.56 25.10
N LEU A 117 -23.85 -13.64 25.78
CA LEU A 117 -23.52 -12.24 25.68
C LEU A 117 -22.31 -11.89 26.53
N GLN A 118 -22.15 -12.57 27.65
CA GLN A 118 -21.07 -12.22 28.58
C GLN A 118 -19.62 -12.29 28.03
N THR A 119 -19.29 -13.30 27.24
CA THR A 119 -17.91 -13.50 26.83
C THR A 119 -17.67 -12.73 25.55
N VAL A 120 -18.77 -12.47 24.88
CA VAL A 120 -18.80 -11.55 23.77
C VAL A 120 -18.43 -10.16 24.29
N ARG A 121 -19.11 -9.74 25.34
CA ARG A 121 -18.85 -8.46 25.97
C ARG A 121 -17.44 -8.39 26.52
N LEU A 122 -17.00 -9.47 27.18
CA LEU A 122 -15.61 -9.51 27.65
C LEU A 122 -14.62 -9.33 26.50
N LEU A 123 -14.84 -10.07 25.41
CA LEU A 123 -13.96 -10.04 24.24
C LEU A 123 -13.97 -8.66 23.56
N LEU A 124 -15.13 -8.03 23.52
CA LEU A 124 -15.28 -6.72 22.92
C LEU A 124 -14.57 -5.66 23.75
N ASP A 125 -14.69 -5.76 25.07
CA ASP A 125 -14.04 -4.81 25.97
C ASP A 125 -12.52 -4.93 25.86
N ALA A 126 -12.05 -6.09 25.41
CA ALA A 126 -10.62 -6.31 25.19
C ALA A 126 -10.23 -5.96 23.76
N GLY A 127 -11.10 -5.21 23.09
CA GLY A 127 -10.83 -4.77 21.73
C GLY A 127 -10.68 -5.89 20.72
N ALA A 128 -11.66 -6.79 20.68
CA ALA A 128 -11.68 -7.83 19.66
C ALA A 128 -12.39 -7.30 18.42
N ASP A 129 -12.03 -7.85 17.26
CA ASP A 129 -12.60 -7.38 16.00
C ASP A 129 -13.88 -8.13 15.68
N PRO A 130 -15.01 -7.40 15.61
CA PRO A 130 -16.29 -7.96 15.20
C PRO A 130 -16.37 -8.25 13.72
N SER A 131 -15.39 -7.73 12.97
CA SER A 131 -15.39 -7.86 11.52
C SER A 131 -14.32 -8.82 11.01
N LEU A 132 -13.52 -9.38 11.91
CA LEU A 132 -12.50 -10.34 11.51
C LEU A 132 -13.14 -11.51 10.81
N LYS A 133 -12.73 -11.75 9.56
CA LYS A 133 -13.27 -12.85 8.79
C LYS A 133 -12.36 -14.07 8.89
N ASN A 134 -13.02 -15.21 9.03
CA ASN A 134 -12.46 -16.55 8.93
C ASN A 134 -12.32 -17.00 7.48
N ASP A 135 -11.73 -18.16 7.25
CA ASP A 135 -11.22 -18.50 5.94
C ASP A 135 -12.36 -18.39 4.95
N LEU A 136 -13.55 -18.76 5.38
CA LEU A 136 -14.75 -18.57 4.56
C LEU A 136 -15.02 -17.10 4.23
N GLY A 137 -14.81 -16.20 5.19
CA GLY A 137 -15.25 -14.83 5.01
C GLY A 137 -16.36 -14.44 5.98
N HIS A 138 -16.50 -15.24 7.03
CA HIS A 138 -17.54 -15.00 8.03
C HIS A 138 -17.05 -14.19 9.21
N THR A 139 -17.74 -13.09 9.49
CA THR A 139 -17.53 -12.34 10.72
C THR A 139 -18.17 -13.13 11.86
N PRO A 140 -17.81 -12.81 13.12
CA PRO A 140 -18.56 -13.45 14.21
C PRO A 140 -20.05 -13.11 14.17
N LEU A 141 -20.39 -11.97 13.58
CA LEU A 141 -21.78 -11.59 13.40
C LEU A 141 -22.51 -12.57 12.47
N SER A 142 -21.77 -13.11 11.50
CA SER A 142 -22.34 -14.10 10.59
C SER A 142 -22.88 -15.29 11.35
N TYR A 143 -22.14 -15.74 12.35
CA TYR A 143 -22.48 -16.93 13.12
C TYR A 143 -23.38 -16.62 14.32
N ALA A 144 -23.76 -15.36 14.47
CA ALA A 144 -24.54 -14.96 15.63
C ALA A 144 -26.01 -15.28 15.44
N ARG A 145 -26.62 -15.92 16.42
CA ARG A 145 -28.06 -16.01 16.48
C ARG A 145 -28.61 -14.59 16.55
N ASP A 146 -29.78 -14.36 16.01
CA ASP A 146 -30.26 -12.99 15.93
C ASP A 146 -30.81 -12.56 17.29
N GLY A 147 -29.88 -12.27 18.20
CA GLY A 147 -30.22 -11.84 19.54
C GLY A 147 -29.90 -10.37 19.70
N GLU A 148 -29.79 -9.91 20.95
CA GLU A 148 -29.28 -8.57 21.18
C GLU A 148 -27.76 -8.67 21.24
N LEU A 149 -27.28 -9.92 21.26
CA LEU A 149 -25.88 -10.23 21.05
C LEU A 149 -25.46 -9.67 19.69
N SER A 150 -26.35 -9.83 18.70
CA SER A 150 -26.13 -9.34 17.36
C SER A 150 -26.07 -7.82 17.33
N ALA A 151 -26.90 -7.18 18.15
CA ALA A 151 -26.91 -5.72 18.25
C ALA A 151 -25.61 -5.23 18.87
N VAL A 152 -25.17 -5.92 19.90
CA VAL A 152 -23.91 -5.64 20.56
C VAL A 152 -22.76 -5.72 19.56
N LEU A 153 -22.74 -6.81 18.80
CA LEU A 153 -21.66 -7.07 17.85
C LEU A 153 -21.67 -6.10 16.65
N ARG A 154 -22.87 -5.72 16.20
CA ARG A 154 -22.98 -4.83 15.05
C ARG A 154 -22.68 -3.39 15.45
N ASP A 155 -23.00 -3.05 16.70
CA ASP A 155 -22.69 -1.73 17.23
C ASP A 155 -21.18 -1.66 17.41
N ALA A 156 -20.59 -2.81 17.77
CA ALA A 156 -19.14 -2.93 17.79
C ALA A 156 -18.57 -2.68 16.40
N GLN A 157 -19.23 -3.26 15.39
CA GLN A 157 -18.83 -3.03 14.00
C GLN A 157 -18.87 -1.56 13.63
N ASP A 158 -19.93 -0.87 14.06
CA ASP A 158 -20.07 0.55 13.78
C ASP A 158 -18.99 1.37 14.51
N THR A 159 -18.62 0.90 15.70
CA THR A 159 -17.57 1.56 16.48
C THR A 159 -16.22 1.45 15.77
N PHE A 160 -15.80 0.23 15.46
CA PHE A 160 -14.56 -0.01 14.75
C PHE A 160 -14.55 0.73 13.41
N ALA A 161 -15.72 0.81 12.78
CA ALA A 161 -15.87 1.55 11.53
C ALA A 161 -15.57 3.03 11.72
N GLU A 162 -16.21 3.64 12.72
CA GLU A 162 -16.01 5.05 13.01
C GLU A 162 -14.53 5.33 13.34
N ALA A 163 -13.91 4.38 14.04
CA ALA A 163 -12.48 4.45 14.32
C ALA A 163 -11.68 4.53 13.02
N GLN A 164 -11.96 3.60 12.11
CA GLN A 164 -11.32 3.60 10.80
C GLN A 164 -11.48 4.94 10.08
N ARG A 165 -12.69 5.49 10.15
CA ARG A 165 -13.03 6.70 9.43
C ARG A 165 -12.31 7.94 9.97
N LYS A 166 -12.27 8.07 11.30
CA LYS A 166 -11.52 9.16 11.93
C LYS A 166 -10.04 9.03 11.61
N ARG A 167 -9.54 7.80 11.64
CA ARG A 167 -8.15 7.49 11.28
C ARG A 167 -7.83 7.99 9.87
N GLU A 168 -8.73 7.74 8.94
CA GLU A 168 -8.58 8.25 7.57
C GLU A 168 -8.54 9.77 7.56
N ALA A 169 -9.49 10.37 8.28
CA ALA A 169 -9.61 11.83 8.34
C ALA A 169 -8.31 12.50 8.76
N GLU A 170 -7.62 11.92 9.73
CA GLU A 170 -6.39 12.57 10.20
C GLU A 170 -5.09 12.04 9.57
N GLU A 171 -5.17 10.94 8.83
CA GLU A 171 -4.06 10.63 7.92
C GLU A 171 -4.12 11.69 6.83
N ARG A 172 -5.33 12.16 6.53
CA ARG A 172 -5.50 13.28 5.60
C ARG A 172 -5.03 14.61 6.20
N ARG A 173 -5.36 14.87 7.47
CA ARG A 173 -4.95 16.13 8.08
C ARG A 173 -3.44 16.22 8.32
N LYS A 174 -2.82 15.10 8.66
CA LYS A 174 -1.42 15.11 9.09
C LYS A 174 -0.41 14.95 7.96
N PHE A 175 -0.82 14.33 6.86
CA PHE A 175 0.08 14.14 5.72
C PHE A 175 -0.57 14.58 4.41
N PRO A 176 -0.78 15.91 4.27
CA PRO A 176 -1.52 16.46 3.12
C PRO A 176 -0.81 16.32 1.78
N LEU A 177 0.51 16.49 1.78
CA LEU A 177 1.30 16.32 0.56
C LEU A 177 1.13 14.91 0.03
N GLU A 178 1.10 13.96 0.95
CA GLU A 178 0.99 12.57 0.58
C GLU A 178 -0.38 12.22 0.07
N ARG A 179 -1.40 12.85 0.64
CA ARG A 179 -2.76 12.66 0.14
C ARG A 179 -2.83 13.21 -1.28
N ARG A 180 -2.15 14.32 -1.50
CA ARG A 180 -2.17 14.99 -2.80
C ARG A 180 -1.53 14.09 -3.84
N LEU A 181 -0.37 13.55 -3.50
CA LEU A 181 0.33 12.63 -4.39
C LEU A 181 -0.49 11.39 -4.66
N LYS A 182 -1.07 10.81 -3.61
CA LYS A 182 -1.84 9.57 -3.76
C LYS A 182 -3.10 9.76 -4.58
N GLU A 183 -3.65 10.96 -4.58
CA GLU A 183 -4.90 11.21 -5.30
C GLU A 183 -4.62 11.76 -6.71
N HIS A 184 -3.38 12.19 -6.95
CA HIS A 184 -3.00 12.61 -8.30
C HIS A 184 -2.03 11.67 -9.00
N ILE A 185 -1.61 10.60 -8.34
CA ILE A 185 -0.67 9.65 -8.96
C ILE A 185 -1.09 8.20 -8.76
N ILE A 186 -1.19 7.48 -9.88
CA ILE A 186 -1.57 6.08 -9.90
C ILE A 186 -0.36 5.18 -9.64
N GLY A 187 -0.53 4.24 -8.71
CA GLY A 187 0.54 3.33 -8.35
C GLY A 187 1.69 4.04 -7.65
N GLN A 188 2.86 3.41 -7.65
CA GLN A 188 4.07 3.97 -7.06
C GLN A 188 3.87 4.43 -5.62
N GLU A 189 3.51 3.48 -4.76
CA GLU A 189 3.22 3.77 -3.35
C GLU A 189 4.49 4.12 -2.57
N GLY A 190 5.48 3.22 -2.66
CA GLY A 190 6.74 3.37 -1.96
C GLY A 190 7.46 4.66 -2.27
N ALA A 191 7.43 5.05 -3.54
CA ALA A 191 8.05 6.30 -3.98
C ALA A 191 7.48 7.49 -3.22
N ILE A 192 6.16 7.60 -3.23
CA ILE A 192 5.46 8.66 -2.53
C ILE A 192 5.81 8.68 -1.05
N ASN A 193 5.78 7.50 -0.45
CA ASN A 193 6.12 7.37 0.96
C ASN A 193 7.52 7.90 1.28
N THR A 194 8.51 7.39 0.57
CA THR A 194 9.91 7.80 0.73
C THR A 194 10.07 9.32 0.57
N VAL A 195 9.59 9.85 -0.56
CA VAL A 195 9.76 11.28 -0.86
C VAL A 195 9.08 12.18 0.19
N ALA A 196 7.80 11.94 0.44
CA ALA A 196 7.04 12.75 1.40
C ALA A 196 7.68 12.72 2.79
N SER A 197 7.97 11.50 3.25
CA SER A 197 8.58 11.30 4.56
C SER A 197 9.90 12.07 4.66
N ALA A 198 10.69 12.02 3.60
CA ALA A 198 11.94 12.79 3.56
C ALA A 198 11.66 14.29 3.71
N ILE A 199 10.70 14.77 2.95
CA ILE A 199 10.37 16.19 2.95
C ILE A 199 9.99 16.70 4.33
N ARG A 200 9.02 16.05 4.97
CA ARG A 200 8.62 16.53 6.29
C ARG A 200 9.68 16.18 7.33
N ARG A 201 10.56 15.24 7.01
CA ARG A 201 11.69 14.94 7.87
C ARG A 201 12.60 16.17 7.94
N LYS A 202 12.76 16.85 6.80
CA LYS A 202 13.59 18.08 6.75
C LYS A 202 12.80 19.25 7.34
N GLU A 203 11.52 19.36 7.01
CA GLU A 203 10.65 20.47 7.49
C GLU A 203 10.66 20.49 9.02
N ASN A 204 10.46 19.32 9.65
CA ASN A 204 10.41 19.25 11.14
C ASN A 204 11.81 19.48 11.73
N GLY A 205 12.87 19.15 10.98
CA GLY A 205 14.24 19.43 11.46
C GLY A 205 14.95 18.20 11.97
N TRP A 206 14.89 17.08 11.23
CA TRP A 206 15.59 15.87 11.61
C TRP A 206 16.56 15.40 10.52
N TYR A 207 16.96 16.35 9.69
CA TYR A 207 18.11 16.16 8.80
C TYR A 207 19.17 17.16 9.20
N ASP A 208 20.40 16.98 8.72
CA ASP A 208 21.36 18.02 8.98
C ASP A 208 21.03 19.06 7.93
N GLU A 209 20.42 20.15 8.38
CA GLU A 209 19.95 21.18 7.48
C GLU A 209 21.20 21.93 7.08
N GLU A 210 22.08 21.19 6.41
CA GLU A 210 23.28 21.76 5.81
C GLU A 210 23.02 22.16 4.36
N HIS A 211 22.22 21.35 3.68
CA HIS A 211 22.00 21.44 2.26
C HIS A 211 20.62 20.93 1.92
N PRO A 212 20.02 21.48 0.87
CA PRO A 212 18.63 21.15 0.51
C PRO A 212 18.42 19.67 0.21
N LEU A 213 17.17 19.22 0.23
CA LEU A 213 16.87 17.83 -0.07
C LEU A 213 17.45 17.36 -1.41
N VAL A 214 17.97 16.14 -1.42
CA VAL A 214 18.54 15.54 -2.62
C VAL A 214 18.02 14.12 -2.81
N PHE A 215 17.39 13.90 -3.94
CA PHE A 215 16.82 12.60 -4.26
C PHE A 215 17.48 11.99 -5.49
N LEU A 216 17.44 10.67 -5.58
CA LEU A 216 17.80 10.00 -6.82
C LEU A 216 16.68 9.05 -7.24
N PHE A 217 16.01 9.37 -8.33
CA PHE A 217 14.90 8.55 -8.82
C PHE A 217 15.37 7.47 -9.77
N LEU A 218 15.52 6.25 -9.27
CA LEU A 218 15.91 5.12 -10.10
C LEU A 218 14.68 4.37 -10.60
N GLY A 219 14.78 3.80 -11.80
CA GLY A 219 13.67 3.05 -12.37
C GLY A 219 13.58 3.14 -13.87
N SER A 220 12.37 3.02 -14.40
CA SER A 220 12.16 2.96 -15.84
C SER A 220 11.46 4.21 -16.38
N SER A 221 11.53 4.38 -17.69
CA SER A 221 10.93 5.54 -18.36
C SER A 221 9.41 5.49 -18.33
N GLY A 222 8.80 6.65 -18.12
CA GLY A 222 7.36 6.82 -18.23
C GLY A 222 6.52 6.08 -17.20
N ILE A 223 6.81 6.26 -15.91
CA ILE A 223 6.01 5.64 -14.86
C ILE A 223 5.75 6.56 -13.67
N GLY A 224 6.09 7.84 -13.82
CA GLY A 224 5.68 8.83 -12.83
C GLY A 224 6.75 9.70 -12.20
N LYS A 225 8.02 9.39 -12.45
CA LYS A 225 9.14 10.12 -11.85
C LYS A 225 8.99 11.63 -11.98
N THR A 226 9.02 12.12 -13.21
CA THR A 226 8.86 13.54 -13.49
C THR A 226 7.49 14.04 -13.04
N GLU A 227 6.46 13.24 -13.29
CA GLU A 227 5.11 13.57 -12.85
C GLU A 227 5.04 13.81 -11.34
N LEU A 228 5.62 12.89 -10.59
CA LEU A 228 5.69 13.04 -9.14
C LEU A 228 6.42 14.32 -8.79
N ALA A 229 7.54 14.57 -9.47
CA ALA A 229 8.31 15.78 -9.23
C ALA A 229 7.48 17.06 -9.39
N LYS A 230 6.79 17.17 -10.50
CA LYS A 230 5.98 18.33 -10.73
C LYS A 230 4.87 18.44 -9.71
N GLN A 231 4.28 17.31 -9.37
CA GLN A 231 3.22 17.29 -8.37
C GLN A 231 3.71 17.89 -7.06
N VAL A 232 4.87 17.41 -6.61
CA VAL A 232 5.52 17.95 -5.43
C VAL A 232 5.71 19.46 -5.58
N ALA A 233 6.19 19.88 -6.75
CA ALA A 233 6.45 21.29 -7.02
C ALA A 233 5.19 22.13 -6.85
N ARG A 234 4.08 21.66 -7.44
CA ARG A 234 2.84 22.43 -7.38
C ARG A 234 2.30 22.44 -5.95
N TYR A 235 2.53 21.37 -5.21
CA TYR A 235 2.13 21.37 -3.80
C TYR A 235 2.93 22.41 -3.02
N MET A 236 4.24 22.50 -3.29
CA MET A 236 5.11 23.43 -2.52
C MET A 236 4.90 24.88 -2.97
N HIS A 237 5.05 25.17 -4.27
CA HIS A 237 4.97 26.58 -4.75
C HIS A 237 3.53 26.97 -5.07
N LYS A 238 2.63 25.98 -5.21
CA LYS A 238 1.21 26.24 -5.41
C LYS A 238 0.95 26.96 -6.74
N ASP A 239 2.01 27.21 -7.50
CA ASP A 239 1.85 27.68 -8.86
C ASP A 239 2.32 26.52 -9.69
N ILE A 240 1.49 26.05 -10.61
CA ILE A 240 1.85 24.82 -11.29
C ILE A 240 3.14 25.07 -12.01
N LYS A 241 3.22 26.19 -12.70
CA LYS A 241 4.39 26.55 -13.46
C LYS A 241 5.64 26.84 -12.66
N LYS A 242 5.49 27.62 -11.60
CA LYS A 242 6.60 28.37 -11.04
C LYS A 242 7.78 27.61 -10.44
N GLY A 243 7.49 26.56 -9.70
CA GLY A 243 8.46 26.02 -8.77
C GLY A 243 9.33 24.98 -9.41
N PHE A 244 9.14 24.81 -10.70
CA PHE A 244 9.67 23.62 -11.35
C PHE A 244 10.70 23.92 -12.43
N ILE A 245 11.79 23.16 -12.35
CA ILE A 245 12.90 23.24 -13.28
C ILE A 245 13.28 21.83 -13.73
N ARG A 246 13.44 21.63 -15.03
CA ARG A 246 13.94 20.34 -15.51
C ARG A 246 15.12 20.56 -16.45
N MET A 247 16.18 19.77 -16.25
CA MET A 247 17.34 19.87 -17.10
C MET A 247 17.51 18.56 -17.83
N ASP A 248 17.57 18.63 -19.15
CA ASP A 248 17.81 17.43 -19.93
C ASP A 248 19.30 17.31 -20.04
N MET A 249 19.80 16.35 -19.26
CA MET A 249 21.21 16.11 -19.00
C MET A 249 21.99 15.69 -20.23
N SER A 250 21.33 14.93 -21.10
CA SER A 250 22.00 14.36 -22.25
C SER A 250 22.56 15.52 -23.04
N GLU A 251 21.82 16.62 -23.11
CA GLU A 251 22.34 17.78 -23.80
C GLU A 251 23.78 17.96 -23.32
N PHE A 252 24.04 17.68 -22.04
CA PHE A 252 25.39 17.90 -21.54
C PHE A 252 26.19 16.61 -21.52
N GLN A 253 27.28 16.61 -22.29
CA GLN A 253 28.21 15.44 -22.32
C GLN A 253 29.65 15.94 -22.50
N GLU A 254 29.85 17.26 -22.62
CA GLU A 254 31.21 17.81 -22.90
C GLU A 254 31.55 18.96 -21.94
N LYS A 255 32.77 19.50 -22.01
CA LYS A 255 33.21 20.56 -21.05
C LYS A 255 32.61 21.93 -21.43
N HIS A 256 32.38 22.18 -22.72
CA HIS A 256 31.73 23.44 -23.16
C HIS A 256 30.31 23.49 -22.59
N GLU A 257 29.65 22.35 -22.49
CA GLU A 257 28.27 22.28 -21.93
C GLU A 257 28.29 22.77 -20.48
N VAL A 258 29.35 22.46 -19.73
CA VAL A 258 29.50 22.96 -18.32
C VAL A 258 29.43 24.50 -18.28
N ALA A 259 30.16 25.22 -19.16
CA ALA A 259 30.07 26.69 -19.23
C ALA A 259 28.59 27.06 -19.45
N LYS A 260 27.92 26.25 -20.20
CA LYS A 260 26.53 26.69 -20.44
C LYS A 260 25.74 26.39 -19.18
N PHE A 261 25.92 25.18 -18.71
CA PHE A 261 25.10 24.76 -17.54
C PHE A 261 25.17 25.85 -16.46
N ILE A 262 26.38 26.24 -16.06
CA ILE A 262 26.55 27.30 -15.03
C ILE A 262 26.19 28.66 -15.65
N LEU A 277 20.68 27.77 -16.14
CA LEU A 277 20.28 27.35 -14.80
C LEU A 277 20.44 28.50 -13.80
N THR A 278 21.52 29.26 -13.93
CA THR A 278 21.78 30.38 -13.05
C THR A 278 20.62 31.36 -13.04
N LYS A 279 20.06 31.63 -14.22
CA LYS A 279 18.94 32.55 -14.35
C LYS A 279 17.64 31.90 -13.88
N GLN A 280 17.49 30.61 -14.17
CA GLN A 280 16.30 29.87 -13.77
C GLN A 280 16.23 29.84 -12.26
N LEU A 281 17.38 29.65 -11.62
CA LEU A 281 17.47 29.69 -10.17
C LEU A 281 17.11 31.08 -9.66
N LYS A 282 17.56 32.11 -10.37
CA LYS A 282 17.31 33.49 -9.98
C LYS A 282 15.82 33.78 -9.89
N GLN A 283 15.05 33.24 -10.84
CA GLN A 283 13.61 33.46 -10.86
C GLN A 283 13.00 32.89 -9.58
N SER A 284 13.50 31.73 -9.19
CA SER A 284 13.10 31.11 -7.93
C SER A 284 14.30 30.40 -7.28
N PRO A 285 14.66 30.84 -6.08
CA PRO A 285 15.65 30.14 -5.26
C PRO A 285 15.16 28.76 -4.82
N SER A 286 13.87 28.71 -4.50
CA SER A 286 13.27 27.68 -3.67
C SER A 286 12.73 26.50 -4.47
N ALA A 287 12.81 26.62 -5.80
CA ALA A 287 12.12 25.70 -6.71
C ALA A 287 12.55 24.24 -6.63
N VAL A 288 11.84 23.40 -7.36
CA VAL A 288 12.12 21.98 -7.45
C VAL A 288 12.86 21.66 -8.74
N VAL A 289 14.08 21.14 -8.62
CA VAL A 289 14.94 20.91 -9.77
C VAL A 289 15.06 19.42 -10.10
N LEU A 290 15.04 19.10 -11.39
CA LEU A 290 15.11 17.70 -11.83
C LEU A 290 16.18 17.54 -12.89
N PHE A 291 16.93 16.43 -12.83
CA PHE A 291 17.95 16.11 -13.86
C PHE A 291 17.55 14.77 -14.49
N ASP A 292 17.67 14.61 -15.82
CA ASP A 292 17.14 13.38 -16.47
C ASP A 292 18.24 12.48 -17.04
N GLU A 293 18.25 11.19 -16.68
CA GLU A 293 19.37 10.30 -17.10
C GLU A 293 20.68 10.97 -16.64
N VAL A 294 20.77 11.29 -15.34
CA VAL A 294 21.95 11.99 -14.77
C VAL A 294 23.19 11.09 -14.84
N GLU A 295 23.00 9.76 -14.96
CA GLU A 295 24.13 8.82 -14.91
C GLU A 295 25.14 9.14 -16.02
N LYS A 296 24.65 9.49 -17.22
CA LYS A 296 25.55 9.81 -18.36
C LYS A 296 25.63 11.33 -18.54
N ALA A 297 26.44 12.02 -17.72
CA ALA A 297 26.60 13.45 -17.92
C ALA A 297 27.93 13.80 -17.28
N HIS A 298 28.54 14.91 -17.68
CA HIS A 298 29.94 15.15 -17.36
C HIS A 298 30.20 15.16 -15.89
N PRO A 299 31.31 14.54 -15.51
CA PRO A 299 31.70 14.41 -14.10
C PRO A 299 31.92 15.79 -13.49
N ASP A 300 32.50 16.68 -14.27
CA ASP A 300 32.69 18.06 -13.84
C ASP A 300 31.33 18.66 -13.57
N VAL A 301 30.34 18.32 -14.40
CA VAL A 301 28.99 18.84 -14.22
C VAL A 301 28.40 18.39 -12.89
N LEU A 302 28.62 17.13 -12.54
CA LEU A 302 28.24 16.58 -11.25
C LEU A 302 28.99 17.22 -10.08
N THR A 303 30.29 17.43 -10.26
CA THR A 303 31.11 18.01 -9.20
C THR A 303 30.58 19.40 -8.88
N VAL A 304 30.23 20.14 -9.94
CA VAL A 304 29.52 21.40 -9.77
C VAL A 304 28.18 21.09 -9.13
N MET A 305 27.55 20.01 -9.60
CA MET A 305 26.27 19.55 -9.06
C MET A 305 26.41 19.16 -7.60
N LEU A 306 27.50 18.48 -7.26
CA LEU A 306 27.75 18.08 -5.88
C LEU A 306 28.15 19.29 -5.04
N GLN A 307 28.88 20.21 -5.65
CA GLN A 307 29.23 21.45 -4.98
C GLN A 307 27.96 22.20 -4.64
N LEU A 308 26.98 22.17 -5.53
CA LEU A 308 25.66 22.71 -5.24
C LEU A 308 25.03 21.92 -4.09
N PHE A 309 25.25 20.61 -4.11
CA PHE A 309 24.61 19.69 -3.18
C PHE A 309 25.28 19.65 -1.82
N ASP A 310 26.34 20.46 -1.68
CA ASP A 310 27.07 20.58 -0.41
C ASP A 310 27.19 22.02 0.13
N GLU A 311 27.16 22.99 -0.78
CA GLU A 311 27.44 24.39 -0.45
C GLU A 311 26.29 24.99 0.35
N GLY A 312 25.08 24.49 0.13
CA GLY A 312 23.89 25.08 0.73
C GLY A 312 23.16 25.97 -0.25
N THR A 321 27.49 32.35 -7.82
CA THR A 321 27.09 31.84 -6.53
C THR A 321 26.05 30.74 -6.65
N ILE A 322 25.69 30.18 -5.51
CA ILE A 322 24.69 29.14 -5.40
C ILE A 322 23.75 29.55 -4.30
N GLU A 323 22.97 30.58 -4.57
CA GLU A 323 22.20 31.27 -3.57
C GLU A 323 21.16 30.42 -2.86
N CYS A 324 20.52 29.51 -3.60
CA CYS A 324 19.39 28.71 -3.14
C CYS A 324 19.66 27.79 -1.98
N LYS A 325 18.70 27.68 -1.06
CA LYS A 325 18.83 26.82 0.11
C LYS A 325 17.67 25.85 0.31
N ASP A 326 16.48 26.43 0.40
CA ASP A 326 15.23 25.69 0.53
C ASP A 326 14.74 25.34 -0.85
N ALA A 327 15.46 24.45 -1.49
CA ALA A 327 15.15 23.94 -2.82
C ALA A 327 15.06 22.43 -2.70
N ILE A 328 14.64 21.75 -3.75
CA ILE A 328 14.60 20.29 -3.74
C ILE A 328 15.29 19.74 -4.98
N PHE A 329 16.21 18.81 -4.78
CA PHE A 329 17.05 18.34 -5.87
C PHE A 329 16.77 16.88 -6.21
N ILE A 330 16.34 16.65 -7.45
CA ILE A 330 15.95 15.33 -7.91
C ILE A 330 16.78 14.89 -9.11
N MET A 331 17.18 13.63 -9.12
CA MET A 331 17.93 13.06 -10.24
C MET A 331 17.34 11.72 -10.67
N THR A 332 17.45 11.41 -11.96
CA THR A 332 16.82 10.20 -12.50
C THR A 332 17.81 9.32 -13.29
N SER A 333 17.59 8.03 -13.29
CA SER A 333 18.39 7.19 -14.16
C SER A 333 17.68 5.91 -14.51
N ASN A 334 17.97 5.40 -15.70
CA ASN A 334 17.47 4.11 -16.11
C ASN A 334 18.45 3.09 -15.59
N ALA A 335 19.32 3.56 -14.70
CA ALA A 335 20.39 2.75 -14.17
C ALA A 335 19.87 1.97 -13.00
N ALA A 336 20.17 0.69 -13.01
CA ALA A 336 19.64 -0.20 -12.01
C ALA A 336 18.18 -0.44 -12.38
N SER A 337 17.74 0.06 -13.54
CA SER A 337 16.39 -0.28 -13.88
C SER A 337 16.17 -1.78 -14.02
N ASP A 338 17.04 -2.45 -14.73
CA ASP A 338 16.82 -3.84 -14.99
C ASP A 338 16.87 -4.60 -13.70
N GLU A 339 17.82 -4.19 -12.87
CA GLU A 339 18.08 -4.84 -11.60
C GLU A 339 16.89 -4.70 -10.67
N ILE A 340 16.31 -3.51 -10.63
CA ILE A 340 15.13 -3.26 -9.80
C ILE A 340 13.99 -4.12 -10.32
N ALA A 341 13.91 -4.22 -11.64
CA ALA A 341 12.83 -4.89 -12.31
C ALA A 341 12.86 -6.36 -12.00
N GLN A 342 14.05 -6.92 -11.87
CA GLN A 342 14.21 -8.35 -11.91
C GLN A 342 13.31 -8.95 -10.87
N HIS A 343 13.13 -8.21 -9.80
CA HIS A 343 12.31 -8.58 -8.64
C HIS A 343 11.71 -7.36 -7.96
N ALA A 344 10.42 -7.16 -8.23
CA ALA A 344 9.71 -5.97 -7.78
C ALA A 344 8.67 -6.29 -6.71
N LEU A 345 8.50 -7.57 -6.40
CA LEU A 345 7.50 -8.01 -5.43
C LEU A 345 7.80 -7.53 -4.01
N GLN A 346 9.00 -7.89 -3.51
CA GLN A 346 9.41 -7.58 -2.10
C GLN A 346 9.47 -6.06 -1.91
N LEU A 347 9.60 -5.27 -2.99
CA LEU A 347 9.55 -3.83 -2.92
C LEU A 347 8.12 -3.34 -2.68
N ARG A 348 7.16 -3.91 -3.40
CA ARG A 348 5.76 -3.58 -3.20
C ARG A 348 5.28 -3.95 -1.80
N GLN A 349 5.65 -5.15 -1.38
CA GLN A 349 5.33 -5.65 -0.03
C GLN A 349 5.81 -4.68 1.05
N GLU A 350 7.09 -4.36 0.97
CA GLU A 350 7.72 -3.43 1.91
C GLU A 350 7.05 -2.06 1.90
N ALA A 351 6.77 -1.58 0.70
CA ALA A 351 6.10 -0.30 0.51
C ALA A 351 4.77 -0.29 1.25
N GLN A 352 3.94 -1.28 0.95
CA GLN A 352 2.60 -1.32 1.52
C GLN A 352 2.64 -1.59 3.02
N GLU A 353 3.67 -2.28 3.48
CA GLU A 353 3.87 -2.51 4.90
C GLU A 353 4.11 -1.20 5.63
N GLN A 354 4.89 -0.31 5.01
CA GLN A 354 5.19 0.99 5.58
C GLN A 354 3.93 1.84 5.73
N SER A 355 3.07 1.79 4.73
CA SER A 355 1.81 2.52 4.76
C SER A 355 0.95 2.01 5.91
N ARG A 356 0.96 0.69 6.09
CA ARG A 356 0.22 0.06 7.17
C ARG A 356 0.74 0.51 8.53
N ARG A 357 2.06 0.54 8.69
CA ARG A 357 2.67 0.88 10.01
C ARG A 357 2.59 2.37 10.25
N ARG A 358 2.28 3.18 9.23
CA ARG A 358 2.29 4.66 9.38
C ARG A 358 1.08 5.13 10.20
N LEU A 359 -0.11 4.57 9.95
CA LEU A 359 -1.35 4.99 10.64
C LEU A 359 -1.39 4.34 12.02
N ALA A 360 -0.31 4.48 12.79
CA ALA A 360 -0.26 3.92 14.15
C ALA A 360 0.14 5.04 15.12
N GLU A 361 0.05 4.86 16.45
CA GLU A 361 0.31 6.02 17.37
C GLU A 361 0.90 5.61 18.74
N ASN A 362 1.98 4.83 18.80
CA ASN A 362 2.62 4.27 20.00
C ASN A 362 4.13 4.07 19.76
N LEU A 363 4.89 3.90 20.84
CA LEU A 363 6.35 3.85 20.77
C LEU A 363 6.87 2.60 20.05
N ASP A 364 6.21 1.47 20.25
CA ASP A 364 6.35 0.26 19.43
C ASP A 364 6.51 0.49 17.92
N ASP A 365 5.51 1.12 17.33
CA ASP A 365 5.35 1.31 15.88
C ASP A 365 6.57 2.01 15.31
N VAL A 366 7.05 2.95 16.11
CA VAL A 366 8.22 3.77 15.83
C VAL A 366 9.48 2.92 16.00
N GLN A 367 9.43 2.05 16.98
CA GLN A 367 10.54 1.16 17.20
C GLN A 367 10.70 0.25 15.98
N LYS A 368 9.61 -0.20 15.34
CA LYS A 368 9.85 -0.97 14.12
C LYS A 368 10.23 -0.05 12.96
N SER A 369 10.12 1.26 13.17
CA SER A 369 10.72 2.19 12.24
C SER A 369 12.25 2.18 12.40
N GLU A 370 12.74 1.85 13.60
CA GLU A 370 14.17 1.56 13.75
C GLU A 370 14.75 0.53 12.75
N ASN A 371 13.97 -0.51 12.48
CA ASN A 371 14.48 -1.67 11.69
C ASN A 371 15.11 -1.28 10.36
N ILE A 372 16.11 -2.05 9.94
CA ILE A 372 16.71 -1.81 8.60
C ILE A 372 15.74 -2.49 7.64
N THR A 373 14.97 -1.72 6.89
CA THR A 373 13.92 -2.31 6.02
C THR A 373 14.59 -2.97 4.81
N ILE A 374 13.89 -3.88 4.12
CA ILE A 374 14.54 -4.60 3.03
C ILE A 374 15.16 -3.65 1.98
N SER A 375 14.59 -2.46 1.85
CA SER A 375 15.08 -1.47 0.91
C SER A 375 16.51 -1.04 1.24
N ASN A 376 16.79 -0.87 2.52
CA ASN A 376 18.13 -0.48 2.96
C ASN A 376 19.14 -1.55 2.59
N THR A 377 18.76 -2.81 2.77
CA THR A 377 19.58 -3.93 2.35
C THR A 377 19.72 -3.91 0.85
N PHE A 378 18.62 -3.58 0.16
CA PHE A 378 18.60 -3.52 -1.31
C PHE A 378 19.50 -2.47 -1.95
N LYS A 379 19.84 -1.43 -1.20
CA LYS A 379 20.70 -0.39 -1.72
C LYS A 379 22.12 -0.87 -1.42
N GLU A 380 22.33 -1.39 -0.20
CA GLU A 380 23.70 -1.74 0.17
C GLU A 380 24.15 -3.15 -0.25
N GLN A 381 23.41 -3.84 -1.14
CA GLN A 381 23.81 -5.19 -1.62
C GLN A 381 24.08 -5.21 -3.12
N VAL A 382 23.06 -4.82 -3.87
CA VAL A 382 22.91 -4.99 -5.32
C VAL A 382 23.06 -3.64 -5.99
N ILE A 383 22.35 -2.63 -5.48
CA ILE A 383 22.30 -1.32 -6.11
C ILE A 383 23.59 -0.47 -6.00
N ARG A 384 24.06 -0.20 -4.78
CA ARG A 384 25.22 0.69 -4.62
C ARG A 384 26.49 0.22 -5.38
N PRO A 385 26.74 -1.07 -5.41
CA PRO A 385 27.94 -1.49 -6.10
C PRO A 385 27.84 -1.05 -7.53
N ILE A 386 26.71 -1.37 -8.17
CA ILE A 386 26.49 -0.97 -9.59
C ILE A 386 26.45 0.55 -9.67
N LEU A 387 25.82 1.21 -8.69
CA LEU A 387 25.68 2.65 -8.71
C LEU A 387 27.06 3.25 -8.55
N LYS A 388 27.84 2.69 -7.64
CA LYS A 388 29.15 3.23 -7.33
C LYS A 388 30.05 3.08 -8.51
N ALA A 389 30.10 1.87 -9.09
CA ALA A 389 31.04 1.55 -10.19
C ALA A 389 30.78 2.49 -11.36
N HIS A 390 29.52 2.71 -11.71
CA HIS A 390 29.14 3.64 -12.80
C HIS A 390 29.58 5.05 -12.43
N PHE A 391 29.49 5.40 -11.14
CA PHE A 391 29.74 6.80 -10.67
C PHE A 391 31.18 7.06 -10.21
N ARG A 392 32.04 6.09 -9.82
CA ARG A 392 33.44 6.39 -9.55
C ARG A 392 33.69 7.17 -8.25
N ARG A 393 32.63 7.54 -7.55
CA ARG A 393 32.79 8.24 -6.27
C ARG A 393 32.00 7.64 -5.11
N ASP A 394 32.68 7.33 -4.02
CA ASP A 394 32.02 6.97 -2.77
C ASP A 394 31.25 8.17 -2.24
N GLU A 395 31.89 9.33 -2.34
CA GLU A 395 31.32 10.60 -1.93
C GLU A 395 29.97 10.85 -2.59
N PHE A 396 29.90 10.58 -3.89
CA PHE A 396 28.69 10.85 -4.67
C PHE A 396 27.51 10.05 -4.15
N LEU A 397 27.71 8.78 -3.79
CA LEU A 397 26.57 8.02 -3.18
C LEU A 397 26.28 8.59 -1.79
N GLY A 398 27.30 9.12 -1.11
CA GLY A 398 27.10 9.76 0.18
C GLY A 398 26.21 11.01 0.15
N ARG A 399 26.32 11.79 -0.92
CA ARG A 399 25.65 13.10 -0.98
C ARG A 399 24.12 13.08 -1.04
N ILE A 400 23.54 11.93 -1.36
CA ILE A 400 22.10 11.86 -1.60
C ILE A 400 21.28 11.65 -0.33
N ASN A 401 20.31 12.53 -0.09
CA ASN A 401 19.40 12.38 1.03
C ASN A 401 18.66 11.05 0.93
N GLU A 402 17.95 10.84 -0.19
CA GLU A 402 17.27 9.55 -0.37
C GLU A 402 17.26 9.02 -1.79
N ILE A 403 17.35 7.69 -1.88
CA ILE A 403 17.23 6.96 -3.13
C ILE A 403 15.83 6.38 -3.25
N VAL A 404 15.17 6.65 -4.38
CA VAL A 404 13.79 6.22 -4.57
C VAL A 404 13.67 5.23 -5.73
N TYR A 405 12.86 4.21 -5.55
CA TYR A 405 12.64 3.20 -6.59
C TYR A 405 11.30 3.37 -7.27
N PHE A 406 11.26 3.09 -8.57
CA PHE A 406 10.03 3.16 -9.34
C PHE A 406 9.74 1.82 -10.01
N LEU A 407 8.49 1.39 -9.94
CA LEU A 407 8.11 0.04 -10.34
C LEU A 407 7.25 0.00 -11.59
N PRO A 408 7.35 -1.08 -12.37
CA PRO A 408 6.41 -1.31 -13.46
C PRO A 408 5.00 -1.47 -12.89
N PHE A 409 4.00 -0.97 -13.61
CA PHE A 409 2.63 -0.99 -13.13
C PHE A 409 2.08 -2.41 -13.04
N CYS A 410 1.37 -2.71 -11.95
CA CYS A 410 0.60 -3.94 -11.88
C CYS A 410 -0.67 -3.71 -12.67
N HIS A 411 -1.42 -4.79 -12.93
CA HIS A 411 -2.59 -4.73 -13.79
C HIS A 411 -3.57 -3.62 -13.39
N SER A 412 -3.99 -3.65 -12.12
CA SER A 412 -4.92 -2.68 -11.56
C SER A 412 -4.53 -1.23 -11.89
N GLU A 413 -3.24 -0.94 -11.77
CA GLU A 413 -2.73 0.41 -12.02
C GLU A 413 -2.87 0.79 -13.50
N LEU A 414 -2.63 -0.17 -14.39
CA LEU A 414 -2.83 0.05 -15.82
C LEU A 414 -4.30 0.35 -16.11
N LEU A 415 -5.18 -0.47 -15.56
CA LEU A 415 -6.62 -0.22 -15.64
C LEU A 415 -6.95 1.20 -15.22
N GLN A 416 -6.38 1.62 -14.10
CA GLN A 416 -6.63 2.96 -13.57
C GLN A 416 -6.11 4.07 -14.47
N LEU A 417 -4.99 3.82 -15.15
CA LEU A 417 -4.46 4.78 -16.11
C LEU A 417 -5.42 4.98 -17.28
N VAL A 418 -5.81 3.86 -17.89
CA VAL A 418 -6.80 3.88 -18.96
C VAL A 418 -8.06 4.64 -18.52
N SER A 419 -8.53 4.31 -17.32
CA SER A 419 -9.68 4.96 -16.71
C SER A 419 -9.50 6.47 -16.64
N ARG A 420 -8.32 6.90 -16.20
CA ARG A 420 -7.99 8.32 -16.13
C ARG A 420 -8.19 8.96 -17.48
N GLU A 421 -7.69 8.29 -18.51
CA GLU A 421 -7.83 8.81 -19.87
C GLU A 421 -9.28 8.99 -20.29
N LEU A 422 -10.03 7.90 -20.23
CA LEU A 422 -11.43 7.93 -20.63
C LEU A 422 -12.20 8.99 -19.87
N HIS A 423 -11.92 9.12 -18.57
CA HIS A 423 -12.58 10.13 -17.76
C HIS A 423 -12.27 11.53 -18.27
N TYR A 424 -11.01 11.77 -18.62
CA TYR A 424 -10.62 13.05 -19.22
C TYR A 424 -11.49 13.37 -20.44
N TRP A 425 -11.53 12.42 -21.39
CA TRP A 425 -12.27 12.69 -22.63
C TRP A 425 -13.79 12.81 -22.44
N ALA A 426 -14.34 11.99 -21.55
CA ALA A 426 -15.76 12.08 -21.21
C ALA A 426 -16.10 13.44 -20.64
N LYS A 427 -15.25 13.91 -19.71
CA LYS A 427 -15.41 15.23 -19.12
C LYS A 427 -15.42 16.32 -20.21
N LYS A 428 -14.38 16.32 -21.04
CA LYS A 428 -14.25 17.32 -22.11
C LYS A 428 -15.48 17.32 -23.02
N ALA A 429 -15.92 16.13 -23.39
CA ALA A 429 -17.11 15.96 -24.22
C ALA A 429 -18.33 16.59 -23.53
N LYS A 430 -18.49 16.27 -22.25
CA LYS A 430 -19.66 16.73 -21.52
C LYS A 430 -19.73 18.24 -21.39
N GLN A 431 -18.58 18.91 -21.25
CA GLN A 431 -18.63 20.36 -21.20
C GLN A 431 -18.85 20.97 -22.59
N ARG A 432 -18.06 20.56 -23.59
CA ARG A 432 -18.15 21.22 -24.88
C ARG A 432 -19.43 20.91 -25.67
N HIS A 433 -19.80 19.64 -25.75
CA HIS A 433 -20.94 19.27 -26.58
C HIS A 433 -22.08 18.63 -25.79
N ASN A 434 -21.93 18.57 -24.48
CA ASN A 434 -22.90 17.93 -23.60
C ASN A 434 -23.17 16.49 -24.03
N ILE A 435 -22.10 15.73 -24.21
CA ILE A 435 -22.22 14.33 -24.59
C ILE A 435 -21.74 13.42 -23.46
N THR A 436 -22.56 12.44 -23.12
CA THR A 436 -22.24 11.50 -22.06
C THR A 436 -21.53 10.28 -22.63
N LEU A 437 -20.26 10.09 -22.26
CA LEU A 437 -19.50 8.93 -22.71
C LEU A 437 -19.50 7.85 -21.64
N LEU A 438 -19.86 6.63 -22.03
CA LEU A 438 -19.99 5.54 -21.07
C LEU A 438 -19.23 4.29 -21.52
N TRP A 439 -18.91 3.43 -20.55
CA TRP A 439 -18.22 2.18 -20.81
C TRP A 439 -18.24 1.28 -19.57
N GLU A 440 -17.89 0.02 -19.78
CA GLU A 440 -17.75 -0.93 -18.68
C GLU A 440 -16.29 -1.36 -18.58
N ARG A 441 -16.05 -2.35 -17.72
CA ARG A 441 -14.70 -2.86 -17.47
C ARG A 441 -14.03 -3.46 -18.71
N PRO A 442 -14.78 -4.22 -19.52
CA PRO A 442 -14.13 -4.87 -20.67
C PRO A 442 -13.30 -3.93 -21.54
N VAL A 443 -13.84 -2.75 -21.86
CA VAL A 443 -13.12 -1.74 -22.64
C VAL A 443 -11.71 -1.50 -22.10
N LEU A 444 -11.66 -1.26 -20.79
CA LEU A 444 -10.39 -1.04 -20.11
C LEU A 444 -9.49 -2.27 -20.20
N GLU A 445 -10.08 -3.45 -19.97
CA GLU A 445 -9.34 -4.70 -20.05
C GLU A 445 -8.68 -4.90 -21.41
N LEU A 446 -9.36 -4.41 -22.45
CA LEU A 446 -8.88 -4.53 -23.82
C LEU A 446 -7.79 -3.50 -24.13
N LEU A 447 -8.02 -2.25 -23.72
CA LEU A 447 -7.06 -1.18 -23.98
C LEU A 447 -5.77 -1.40 -23.19
N VAL A 448 -5.87 -2.07 -22.05
CA VAL A 448 -4.70 -2.46 -21.29
C VAL A 448 -3.79 -3.31 -22.17
N LYS A 449 -4.38 -4.11 -23.06
CA LYS A 449 -3.58 -4.93 -23.97
C LYS A 449 -2.83 -4.08 -25.01
N GLY A 450 -2.96 -2.75 -24.92
CA GLY A 450 -2.25 -1.85 -25.82
C GLY A 450 -1.09 -1.15 -25.14
N TYR A 451 -0.84 -1.50 -23.87
CA TYR A 451 0.24 -0.91 -23.11
C TYR A 451 1.57 -1.55 -23.47
N ASN A 452 2.40 -0.82 -24.20
CA ASN A 452 3.78 -1.24 -24.40
C ASN A 452 4.68 -0.44 -23.47
N LEU A 453 5.72 -1.09 -22.96
CA LEU A 453 6.56 -0.51 -21.92
C LEU A 453 7.36 0.70 -22.38
N HIS A 454 8.08 0.55 -23.49
CA HIS A 454 9.09 1.51 -23.93
C HIS A 454 8.67 2.98 -23.90
N TYR A 455 7.37 3.23 -24.01
CA TYR A 455 6.86 4.59 -23.88
C TYR A 455 6.27 4.84 -22.50
N GLY A 456 5.74 3.79 -21.89
CA GLY A 456 5.22 3.88 -20.53
C GLY A 456 3.76 4.27 -20.49
N ALA A 457 3.40 5.13 -19.56
CA ALA A 457 1.99 5.47 -19.36
C ALA A 457 1.38 6.21 -20.57
N ARG A 458 2.22 6.93 -21.30
CA ARG A 458 1.76 7.66 -22.47
C ARG A 458 1.22 6.62 -23.43
N SER A 459 1.90 5.47 -23.49
CA SER A 459 1.44 4.40 -24.36
C SER A 459 -0.07 4.35 -24.31
N ILE A 460 -0.57 4.32 -23.07
CA ILE A 460 -2.00 4.34 -22.85
C ILE A 460 -2.61 5.54 -23.56
N LYS A 461 -1.98 6.71 -23.41
CA LYS A 461 -2.47 7.97 -24.01
C LYS A 461 -2.75 7.75 -25.48
N HIS A 462 -1.84 7.01 -26.10
CA HIS A 462 -1.90 6.78 -27.52
C HIS A 462 -3.13 5.96 -27.84
N GLU A 463 -3.24 4.82 -27.18
CA GLU A 463 -4.29 3.84 -27.44
C GLU A 463 -5.67 4.49 -27.39
N VAL A 464 -5.94 5.17 -26.29
CA VAL A 464 -7.21 5.86 -26.10
C VAL A 464 -7.45 6.89 -27.20
N GLU A 465 -6.41 7.65 -27.55
CA GLU A 465 -6.56 8.65 -28.60
C GLU A 465 -6.73 7.98 -29.95
N ARG A 466 -6.26 6.75 -30.08
CA ARG A 466 -6.38 6.02 -31.34
C ARG A 466 -7.72 5.31 -31.45
N ARG A 467 -7.99 4.40 -30.52
CA ARG A 467 -9.17 3.55 -30.62
C ARG A 467 -10.48 4.26 -30.23
N VAL A 468 -10.37 5.39 -29.55
CA VAL A 468 -11.57 6.07 -29.05
C VAL A 468 -11.75 7.48 -29.60
N VAL A 469 -10.76 8.33 -29.40
CA VAL A 469 -10.89 9.74 -29.80
C VAL A 469 -10.93 9.90 -31.32
N ASN A 470 -10.22 9.04 -32.05
CA ASN A 470 -10.33 9.03 -33.51
C ASN A 470 -11.78 8.84 -33.92
N GLN A 471 -12.46 7.95 -33.21
CA GLN A 471 -13.84 7.62 -33.51
C GLN A 471 -14.78 8.77 -33.15
N LEU A 472 -14.53 9.39 -31.99
CA LEU A 472 -15.31 10.54 -31.54
C LEU A 472 -15.21 11.70 -32.53
N ALA A 473 -13.97 12.04 -32.89
CA ALA A 473 -13.70 13.10 -33.86
C ALA A 473 -14.35 12.79 -35.19
N ALA A 474 -14.17 11.55 -35.66
CA ALA A 474 -14.77 11.11 -36.91
C ALA A 474 -16.27 11.32 -36.91
N ALA A 475 -16.92 10.88 -35.83
CA ALA A 475 -18.37 11.00 -35.72
C ALA A 475 -18.83 12.46 -35.67
N PHE A 476 -18.13 13.28 -34.89
CA PHE A 476 -18.51 14.68 -34.74
C PHE A 476 -18.35 15.44 -36.05
N GLU A 477 -17.30 15.10 -36.81
CA GLU A 477 -17.12 15.62 -38.16
C GLU A 477 -18.37 15.36 -38.99
N GLN A 478 -18.77 14.09 -39.02
CA GLN A 478 -19.84 13.61 -39.88
C GLN A 478 -21.22 14.00 -39.37
N GLU A 479 -21.25 14.69 -38.23
CA GLU A 479 -22.49 15.14 -37.60
C GLU A 479 -23.36 13.96 -37.20
N LEU A 480 -22.74 12.94 -36.61
CA LEU A 480 -23.45 11.79 -36.10
C LEU A 480 -23.52 11.82 -34.58
N LEU A 481 -22.85 12.81 -34.02
CA LEU A 481 -22.99 13.09 -32.61
C LEU A 481 -23.79 14.38 -32.55
N PRO A 482 -25.04 14.24 -32.19
CA PRO A 482 -25.88 15.42 -31.89
C PRO A 482 -25.68 15.87 -30.45
N LYS A 483 -25.69 17.18 -30.24
CA LYS A 483 -25.54 17.73 -28.90
C LYS A 483 -26.64 17.20 -27.97
N GLY A 484 -26.23 16.58 -26.88
CA GLY A 484 -27.17 16.07 -25.89
C GLY A 484 -27.37 14.57 -25.93
N CYS A 485 -26.64 13.88 -26.80
CA CYS A 485 -26.80 12.43 -26.94
C CYS A 485 -26.02 11.68 -25.86
N THR A 486 -26.04 10.35 -25.96
CA THR A 486 -25.36 9.50 -25.00
C THR A 486 -24.76 8.29 -25.72
N LEU A 487 -23.52 7.96 -25.39
CA LEU A 487 -22.78 6.94 -26.12
C LEU A 487 -22.21 5.85 -25.22
N ARG A 488 -22.15 4.64 -25.76
CA ARG A 488 -21.57 3.51 -25.06
C ARG A 488 -20.42 2.89 -25.85
N LEU A 489 -19.28 2.72 -25.20
CA LEU A 489 -18.13 2.03 -25.77
C LEU A 489 -18.25 0.54 -25.49
N THR A 490 -18.34 -0.26 -26.53
CA THR A 490 -18.63 -1.69 -26.38
C THR A 490 -17.62 -2.56 -27.11
N VAL A 491 -17.53 -3.81 -26.69
CA VAL A 491 -16.63 -4.76 -27.32
C VAL A 491 -17.45 -5.91 -27.87
N ASP A 492 -17.30 -6.15 -29.16
CA ASP A 492 -17.93 -7.29 -29.79
C ASP A 492 -16.84 -8.15 -30.37
N ARG A 493 -16.85 -9.43 -30.02
CA ARG A 493 -15.88 -10.34 -30.60
C ARG A 493 -16.57 -11.04 -31.75
N ASP A 494 -16.07 -10.80 -32.95
CA ASP A 494 -16.65 -11.44 -34.13
C ASP A 494 -15.58 -11.90 -35.11
N ALA A 501 -9.01 -10.66 -34.36
CA ALA A 501 -10.45 -10.89 -34.09
C ALA A 501 -11.05 -9.70 -33.31
N PRO A 502 -10.54 -9.23 -32.13
CA PRO A 502 -11.22 -8.17 -31.35
C PRO A 502 -11.42 -6.79 -32.01
N VAL A 503 -12.62 -6.21 -31.88
CA VAL A 503 -12.91 -4.85 -32.39
C VAL A 503 -13.66 -4.06 -31.29
N LEU A 504 -13.41 -2.75 -31.20
CA LEU A 504 -14.11 -1.90 -30.20
C LEU A 504 -15.16 -1.06 -30.95
N ARG A 505 -16.43 -1.11 -30.54
CA ARG A 505 -17.48 -0.38 -31.30
C ARG A 505 -18.15 0.68 -30.44
N LEU A 506 -18.42 1.86 -31.02
CA LEU A 506 -19.15 2.93 -30.30
C LEU A 506 -20.62 2.91 -30.75
N GLU A 507 -21.57 3.01 -29.81
CA GLU A 507 -23.01 3.02 -30.17
C GLU A 507 -23.71 4.20 -29.50
N LEU A 508 -24.87 4.62 -30.02
CA LEU A 508 -25.63 5.75 -29.44
C LEU A 508 -26.87 5.17 -28.74
N LEU A 509 -27.15 5.61 -27.51
CA LEU A 509 -28.29 5.08 -26.73
C LEU A 509 -29.48 6.04 -26.82
PG ANP B . 10.74 10.15 -18.78
O1G ANP B . 9.96 9.77 -20.01
O2G ANP B . 12.20 10.06 -19.05
O3G ANP B . 10.39 11.56 -18.38
PB ANP B . 9.19 9.55 -16.51
O1B ANP B . 8.69 8.32 -15.81
O2B ANP B . 9.77 10.48 -15.48
N3B ANP B . 10.36 9.14 -17.56
PA ANP B . 6.53 10.46 -16.76
O1A ANP B . 6.13 9.21 -15.97
O2A ANP B . 6.44 11.66 -15.85
O3A ANP B . 8.02 10.28 -17.29
O5' ANP B . 5.56 10.65 -17.98
C5' ANP B . 4.80 11.80 -18.05
C4' ANP B . 3.37 11.56 -18.40
O4' ANP B . 3.11 10.17 -18.16
C3' ANP B . 2.45 12.37 -17.47
O3' ANP B . 1.65 13.33 -18.13
C2' ANP B . 1.45 11.39 -16.93
O2' ANP B . 0.15 11.78 -17.35
C1' ANP B . 1.98 10.02 -17.34
N9 ANP B . 2.30 9.22 -16.33
C8 ANP B . 3.34 8.37 -16.14
N7 ANP B . 3.19 7.75 -14.94
C5 ANP B . 2.04 8.23 -14.37
C6 ANP B . 1.44 7.94 -13.18
N6 ANP B . 1.75 7.07 -12.08
N1 ANP B . 0.28 8.55 -12.84
C2 ANP B . -0.29 9.45 -13.68
N3 ANP B . 0.31 9.73 -14.86
C4 ANP B . 1.48 9.12 -15.23
#